data_3ZNC
#
_entry.id   3ZNC
#
_cell.length_a   53.500
_cell.length_b   85.200
_cell.length_c   121.900
_cell.angle_alpha   90.00
_cell.angle_beta   90.00
_cell.angle_gamma   90.00
#
_symmetry.space_group_name_H-M   'C 2 2 21'
#
loop_
_entity.id
_entity.type
_entity.pdbx_description
1 polymer 'CARBONIC ANHYDRASE IV'
2 non-polymer 'ZINC ION'
3 non-polymer (+)-4-ETHYLAMINO-3,4-DIHYDRO-2-(METHOXY)PROPYL-2H-THIENO[3,2-E]-1,2-THIAZINE-6-SULFONAMIDE-1,1-DIOXIDE
4 water water
#
_entity_poly.entity_id   1
_entity_poly.type   'polypeptide(L)'
_entity_poly.pdbx_seq_one_letter_code
;WCYEIQTEDPRSSCLGPEKWPGACKENQQSPINIVTARTKVNPRLTPFILVGYDQKQQWPIKNNQHTVEMTLGGGACIIG
GDLPARYEAVQLHLHWSNGNDNGSEHSIDGRHFAMEMHIVHKKLTSSKEDSKDKFAVLAFMIEVGDKVNKGFQPLVEALP
SISKPHSTSTVRESSLQDMLPPSTKMYTYFRYNGSLTTPNCDETVIWTVYKQPIKIHKNQFLEFSKNLYYDEDQKLNMKD
NVRPLQPLGKRQVFKSHA
;
_entity_poly.pdbx_strand_id   A
#
# COMPACT_ATOMS: atom_id res chain seq x y z
N TRP A 1 16.05 4.38 10.45
CA TRP A 1 15.74 4.98 9.11
C TRP A 1 14.39 5.69 9.22
N CYS A 2 14.13 6.61 8.30
CA CYS A 2 12.87 7.35 8.32
C CYS A 2 12.67 8.10 7.01
N TYR A 3 11.50 8.71 6.88
CA TYR A 3 11.16 9.48 5.69
C TYR A 3 11.60 10.93 5.85
N GLU A 4 11.61 11.67 4.74
CA GLU A 4 11.99 13.09 4.70
C GLU A 4 11.36 13.90 5.83
N ILE A 5 10.04 13.83 5.93
CA ILE A 5 9.28 14.56 6.94
C ILE A 5 9.85 14.38 8.35
N GLN A 6 10.43 13.21 8.62
CA GLN A 6 10.99 12.95 9.94
C GLN A 6 12.37 13.54 10.19
N THR A 7 13.09 13.88 9.13
CA THR A 7 14.41 14.47 9.29
C THR A 7 14.30 15.97 9.53
N GLU A 8 13.11 16.54 9.28
CA GLU A 8 12.89 17.97 9.44
C GLU A 8 13.18 18.53 10.83
N ASP A 9 13.09 17.70 11.85
CA ASP A 9 13.35 18.14 13.22
C ASP A 9 14.87 18.30 13.44
N PRO A 10 15.32 19.55 13.67
CA PRO A 10 16.75 19.81 13.90
C PRO A 10 17.33 18.96 15.01
N ARG A 11 16.48 18.63 15.97
CA ARG A 11 16.86 17.82 17.12
C ARG A 11 16.77 16.40 16.61
N SER A 12 17.86 15.64 16.72
CA SER A 12 17.88 14.26 16.25
C SER A 12 17.81 14.17 14.71
N SER A 13 18.47 13.17 14.17
CA SER A 13 18.47 12.97 12.73
C SER A 13 18.74 11.49 12.43
N CYS A 14 18.01 10.97 11.45
CA CYS A 14 18.13 9.58 11.05
C CYS A 14 18.35 9.49 9.54
N LEU A 15 18.39 8.26 9.03
CA LEU A 15 18.62 8.01 7.61
C LEU A 15 17.35 8.23 6.78
N GLY A 16 17.25 9.40 6.15
CA GLY A 16 16.11 9.69 5.29
C GLY A 16 16.24 8.86 4.02
N PRO A 17 15.26 8.87 3.11
CA PRO A 17 15.32 8.09 1.87
C PRO A 17 16.69 8.19 1.19
N GLU A 18 17.29 9.38 1.33
CA GLU A 18 18.59 9.68 0.75
C GLU A 18 19.73 8.79 1.24
N LYS A 19 19.64 8.32 2.48
CA LYS A 19 20.68 7.49 3.06
C LYS A 19 20.20 6.14 3.60
N TRP A 20 19.13 5.59 3.01
CA TRP A 20 18.63 4.29 3.46
C TRP A 20 19.66 3.21 3.19
N PRO A 21 19.92 2.33 4.17
CA PRO A 21 20.89 1.23 4.04
C PRO A 21 20.91 0.52 2.68
N GLY A 22 22.03 -0.15 2.41
CA GLY A 22 22.24 -0.88 1.16
C GLY A 22 21.07 -1.64 0.57
N ALA A 23 21.05 -1.69 -0.76
CA ALA A 23 20.02 -2.36 -1.58
C ALA A 23 18.95 -1.36 -2.07
N CYS A 24 18.75 -0.27 -1.33
CA CYS A 24 17.78 0.75 -1.71
C CYS A 24 18.30 1.56 -2.90
N LYS A 25 19.59 1.40 -3.19
CA LYS A 25 20.26 2.11 -4.28
C LYS A 25 20.45 1.22 -5.53
N GLU A 26 19.73 0.12 -5.60
CA GLU A 26 19.86 -0.80 -6.73
C GLU A 26 19.10 -0.51 -8.02
N ASN A 27 19.46 -1.28 -9.04
CA ASN A 27 18.92 -1.22 -10.40
C ASN A 27 17.42 -1.38 -10.62
N GLN A 28 16.70 -1.99 -9.69
CA GLN A 28 15.25 -2.20 -9.86
C GLN A 28 14.47 -1.88 -8.60
N GLN A 29 14.25 -0.59 -8.35
CA GLN A 29 13.53 -0.16 -7.16
C GLN A 29 12.08 0.29 -7.41
N SER A 30 11.29 0.25 -6.34
CA SER A 30 9.90 0.68 -6.39
C SER A 30 9.76 1.81 -5.37
N PRO A 31 8.77 2.71 -5.56
CA PRO A 31 7.77 2.74 -6.62
C PRO A 31 8.32 3.35 -7.92
N ILE A 32 7.50 3.33 -8.96
CA ILE A 32 7.82 3.87 -10.27
C ILE A 32 6.59 4.62 -10.77
N ASN A 33 6.67 5.20 -11.96
CA ASN A 33 5.53 5.91 -12.56
C ASN A 33 5.11 5.08 -13.78
N ILE A 34 3.86 4.62 -13.79
CA ILE A 34 3.36 3.82 -14.88
C ILE A 34 2.93 4.67 -16.07
N VAL A 35 3.62 4.49 -17.19
CA VAL A 35 3.28 5.20 -18.42
C VAL A 35 2.43 4.23 -19.24
N THR A 36 1.12 4.34 -19.12
CA THR A 36 0.18 3.47 -19.83
C THR A 36 0.44 3.30 -21.33
N ALA A 37 0.69 4.40 -22.02
CA ALA A 37 0.92 4.34 -23.46
C ALA A 37 2.13 3.49 -23.87
N ARG A 38 2.97 3.11 -22.90
CA ARG A 38 4.15 2.30 -23.18
C ARG A 38 4.14 0.92 -22.51
N THR A 39 2.97 0.45 -22.06
CA THR A 39 2.86 -0.85 -21.41
C THR A 39 2.53 -1.98 -22.38
N LYS A 40 3.17 -3.13 -22.18
CA LYS A 40 2.95 -4.28 -23.03
C LYS A 40 1.83 -5.17 -22.50
N VAL A 41 0.97 -5.65 -23.39
CA VAL A 41 -0.14 -6.53 -22.99
C VAL A 41 0.34 -7.96 -22.86
N ASN A 42 -0.23 -8.66 -21.88
CA ASN A 42 0.10 -10.06 -21.61
C ASN A 42 -1.24 -10.72 -21.26
N PRO A 43 -1.81 -11.47 -22.22
CA PRO A 43 -3.09 -12.16 -22.03
C PRO A 43 -3.18 -12.97 -20.75
N ARG A 44 -2.06 -13.57 -20.34
CA ARG A 44 -2.03 -14.39 -19.13
C ARG A 44 -2.46 -13.64 -17.87
N LEU A 45 -2.36 -12.31 -17.92
CA LEU A 45 -2.75 -11.47 -16.80
C LEU A 45 -4.28 -11.49 -16.65
N THR A 46 -4.77 -12.63 -16.18
CA THR A 46 -6.19 -12.87 -15.97
C THR A 46 -6.42 -12.54 -14.48
N PRO A 47 -7.60 -12.00 -14.13
CA PRO A 47 -7.91 -11.65 -12.73
C PRO A 47 -7.64 -12.72 -11.66
N PHE A 48 -7.24 -12.27 -10.48
CA PHE A 48 -6.91 -13.15 -9.38
C PHE A 48 -8.10 -13.89 -8.81
N ILE A 49 -7.84 -15.07 -8.28
CA ILE A 49 -8.85 -15.89 -7.63
C ILE A 49 -8.63 -15.50 -6.17
N LEU A 50 -9.55 -14.74 -5.60
CA LEU A 50 -9.43 -14.28 -4.23
C LEU A 50 -10.03 -15.25 -3.22
N VAL A 51 -9.17 -15.93 -2.47
CA VAL A 51 -9.61 -16.89 -1.48
C VAL A 51 -9.51 -16.29 -0.08
N GLY A 52 -10.54 -16.51 0.72
CA GLY A 52 -10.56 -16.00 2.08
C GLY A 52 -10.83 -14.51 2.20
N TYR A 53 -11.11 -13.84 1.08
CA TYR A 53 -11.39 -12.41 1.10
C TYR A 53 -12.82 -12.13 1.54
N ASP A 54 -13.67 -13.16 1.46
CA ASP A 54 -15.07 -13.03 1.84
C ASP A 54 -15.35 -13.37 3.30
N GLN A 55 -14.32 -13.79 4.03
CA GLN A 55 -14.48 -14.16 5.42
C GLN A 55 -14.53 -12.90 6.29
N LYS A 56 -15.48 -12.88 7.23
CA LYS A 56 -15.64 -11.75 8.16
C LYS A 56 -15.08 -12.13 9.53
N GLN A 57 -14.12 -11.35 10.02
CA GLN A 57 -13.53 -11.60 11.34
C GLN A 57 -12.83 -10.36 11.90
N GLN A 58 -12.39 -10.46 13.15
CA GLN A 58 -11.70 -9.35 13.80
C GLN A 58 -10.26 -9.36 13.34
N TRP A 59 -9.73 -8.18 13.05
CA TRP A 59 -8.36 -8.03 12.55
C TRP A 59 -7.45 -7.28 13.52
N PRO A 60 -6.34 -7.91 13.95
CA PRO A 60 -5.44 -7.21 14.87
C PRO A 60 -4.63 -6.14 14.14
N ILE A 61 -4.69 -4.89 14.62
CA ILE A 61 -3.92 -3.79 14.01
C ILE A 61 -2.93 -3.19 14.99
N LYS A 62 -1.97 -2.42 14.45
CA LYS A 62 -0.95 -1.75 15.25
C LYS A 62 -0.21 -0.67 14.45
N ASN A 63 0.22 0.38 15.14
CA ASN A 63 0.99 1.45 14.53
C ASN A 63 2.42 0.93 14.63
N ASN A 64 3.06 0.65 13.50
CA ASN A 64 4.43 0.14 13.54
C ASN A 64 5.50 1.20 13.48
N GLN A 65 5.08 2.46 13.60
CA GLN A 65 5.96 3.64 13.56
C GLN A 65 6.21 4.15 12.15
N HIS A 66 5.68 3.43 11.15
CA HIS A 66 5.86 3.84 9.76
C HIS A 66 4.52 3.86 9.03
N THR A 67 3.54 3.15 9.57
CA THR A 67 2.22 3.06 8.96
C THR A 67 1.29 2.30 9.88
N VAL A 68 0.03 2.15 9.45
CA VAL A 68 -0.95 1.40 10.21
C VAL A 68 -0.94 -0.02 9.63
N GLU A 69 -0.44 -0.96 10.42
CA GLU A 69 -0.34 -2.35 10.00
C GLU A 69 -1.54 -3.17 10.47
N MET A 70 -2.11 -3.95 9.56
CA MET A 70 -3.24 -4.80 9.88
C MET A 70 -2.85 -6.24 9.51
N THR A 71 -2.67 -7.08 10.52
CA THR A 71 -2.26 -8.47 10.33
C THR A 71 -3.38 -9.34 9.75
N LEU A 72 -3.11 -9.93 8.59
CA LEU A 72 -4.07 -10.81 7.91
C LEU A 72 -3.78 -12.28 8.25
N GLY A 73 -2.60 -12.52 8.84
CA GLY A 73 -2.17 -13.84 9.25
C GLY A 73 -2.60 -15.06 8.43
N GLY A 74 -2.24 -15.07 7.15
CA GLY A 74 -2.57 -16.19 6.27
C GLY A 74 -4.03 -16.60 6.15
N GLY A 75 -4.95 -15.77 6.64
CA GLY A 75 -6.36 -16.09 6.55
C GLY A 75 -6.81 -16.13 5.09
N ALA A 76 -6.23 -15.24 4.28
CA ALA A 76 -6.56 -15.17 2.85
C ALA A 76 -5.45 -15.76 2.00
N CYS A 77 -5.76 -16.06 0.74
CA CYS A 77 -4.81 -16.66 -0.19
C CYS A 77 -5.18 -16.16 -1.58
N ILE A 78 -4.23 -16.07 -2.49
CA ILE A 78 -4.52 -15.63 -3.85
C ILE A 78 -3.87 -16.60 -4.82
N ILE A 79 -4.57 -16.87 -5.92
CA ILE A 79 -4.07 -17.81 -6.92
C ILE A 79 -4.25 -17.18 -8.29
N GLY A 80 -3.40 -17.55 -9.24
CA GLY A 80 -3.52 -17.04 -10.60
C GLY A 80 -2.71 -15.80 -10.91
N GLY A 81 -3.26 -14.97 -11.80
CA GLY A 81 -2.59 -13.75 -12.21
C GLY A 81 -1.17 -13.99 -12.68
N ASP A 82 -0.98 -15.09 -13.39
CA ASP A 82 0.34 -15.50 -13.90
C ASP A 82 1.43 -15.49 -12.83
N LEU A 83 1.04 -15.72 -11.58
CA LEU A 83 1.98 -15.81 -10.46
C LEU A 83 2.57 -17.22 -10.55
N PRO A 84 3.81 -17.39 -10.10
CA PRO A 84 4.45 -18.71 -10.14
C PRO A 84 3.82 -19.75 -9.21
N ALA A 85 3.47 -19.32 -8.01
CA ALA A 85 2.88 -20.21 -7.02
C ALA A 85 1.71 -19.50 -6.36
N ARG A 86 1.23 -20.07 -5.25
CA ARG A 86 0.14 -19.49 -4.49
C ARG A 86 0.73 -18.63 -3.38
N TYR A 87 0.09 -17.50 -3.11
CA TYR A 87 0.57 -16.60 -2.06
C TYR A 87 -0.51 -16.39 -1.02
N GLU A 88 -0.11 -16.17 0.22
CA GLU A 88 -1.08 -15.92 1.27
C GLU A 88 -0.99 -14.51 1.85
N ALA A 89 -2.12 -13.96 2.24
CA ALA A 89 -2.18 -12.63 2.81
C ALA A 89 -1.49 -12.62 4.16
N VAL A 90 -0.53 -11.72 4.32
CA VAL A 90 0.21 -11.58 5.58
C VAL A 90 -0.18 -10.31 6.35
N GLN A 91 -0.09 -9.15 5.68
CA GLN A 91 -0.42 -7.87 6.31
C GLN A 91 -1.02 -6.90 5.30
N LEU A 92 -1.48 -5.76 5.81
CA LEU A 92 -2.08 -4.72 4.99
C LEU A 92 -1.76 -3.38 5.64
N HIS A 93 -1.31 -2.42 4.85
CA HIS A 93 -0.99 -1.10 5.37
C HIS A 93 -1.26 -0.06 4.29
N LEU A 94 -1.03 1.22 4.63
CA LEU A 94 -1.27 2.30 3.69
C LEU A 94 -0.18 3.36 3.72
N HIS A 95 -0.16 4.21 2.68
CA HIS A 95 0.79 5.34 2.55
C HIS A 95 -0.04 6.57 2.17
N TRP A 96 0.13 7.67 2.91
CA TRP A 96 -0.67 8.87 2.63
C TRP A 96 0.06 10.18 2.90
N SER A 97 -0.65 11.29 2.68
CA SER A 97 -0.11 12.62 2.91
C SER A 97 -1.21 13.53 3.47
N ASN A 98 -1.23 14.80 3.08
CA ASN A 98 -2.25 15.74 3.56
C ASN A 98 -3.15 16.28 2.44
N GLY A 99 -2.78 15.97 1.20
CA GLY A 99 -3.57 16.41 0.06
C GLY A 99 -4.20 15.24 -0.64
N ASN A 100 -5.04 15.50 -1.64
CA ASN A 100 -5.69 14.43 -2.38
C ASN A 100 -5.01 14.15 -3.72
N ASP A 101 -3.81 14.69 -3.92
CA ASP A 101 -3.09 14.49 -5.18
C ASP A 101 -1.62 14.12 -5.06
N ASN A 102 -1.15 13.80 -3.85
CA ASN A 102 0.25 13.40 -3.70
C ASN A 102 0.53 12.58 -2.45
N GLY A 103 -0.20 11.47 -2.33
CA GLY A 103 -0.03 10.57 -1.20
C GLY A 103 0.24 9.13 -1.62
N SER A 104 0.02 8.82 -2.88
CA SER A 104 0.27 7.49 -3.39
C SER A 104 1.72 7.40 -3.84
N GLU A 105 2.41 6.31 -3.49
CA GLU A 105 3.80 6.12 -3.89
C GLU A 105 3.89 6.02 -5.41
N HIS A 106 3.18 5.05 -5.99
CA HIS A 106 3.17 4.89 -7.44
C HIS A 106 2.35 6.02 -8.02
N SER A 107 2.34 6.13 -9.34
CA SER A 107 1.57 7.15 -10.05
C SER A 107 1.27 6.59 -11.43
N ILE A 108 0.11 6.93 -11.96
CA ILE A 108 -0.28 6.44 -13.28
C ILE A 108 -0.39 7.66 -14.20
N ASP A 109 0.61 7.82 -15.06
CA ASP A 109 0.68 8.92 -16.02
C ASP A 109 0.88 10.27 -15.32
N GLY A 110 1.88 10.31 -14.44
CA GLY A 110 2.22 11.51 -13.70
C GLY A 110 1.18 11.96 -12.70
N ARG A 111 0.26 11.07 -12.35
CA ARG A 111 -0.82 11.38 -11.42
C ARG A 111 -0.73 10.58 -10.13
N HIS A 112 -0.58 11.28 -9.01
CA HIS A 112 -0.53 10.64 -7.70
C HIS A 112 -1.89 10.80 -7.07
N PHE A 113 -2.32 9.80 -6.31
CA PHE A 113 -3.63 9.84 -5.66
C PHE A 113 -3.52 10.22 -4.17
N ALA A 114 -4.65 10.19 -3.48
CA ALA A 114 -4.72 10.55 -2.06
C ALA A 114 -3.95 9.57 -1.19
N MET A 115 -4.27 8.29 -1.30
CA MET A 115 -3.60 7.24 -0.53
C MET A 115 -3.31 6.07 -1.44
N GLU A 116 -2.57 5.11 -0.91
CA GLU A 116 -2.24 3.89 -1.63
C GLU A 116 -2.23 2.77 -0.61
N MET A 117 -2.96 1.70 -0.91
CA MET A 117 -3.07 0.57 0.00
C MET A 117 -2.23 -0.60 -0.49
N HIS A 118 -1.57 -1.28 0.44
CA HIS A 118 -0.72 -2.40 0.11
C HIS A 118 -1.03 -3.68 0.86
N ILE A 119 -1.56 -4.68 0.14
CA ILE A 119 -1.88 -5.97 0.72
C ILE A 119 -0.73 -6.90 0.35
N VAL A 120 0.12 -7.21 1.32
CA VAL A 120 1.29 -8.05 1.12
C VAL A 120 1.02 -9.55 1.21
N HIS A 121 1.57 -10.31 0.27
CA HIS A 121 1.40 -11.76 0.22
C HIS A 121 2.76 -12.46 0.15
N LYS A 122 3.01 -13.40 1.05
CA LYS A 122 4.27 -14.14 1.05
C LYS A 122 4.12 -15.39 0.18
N LYS A 123 5.16 -15.73 -0.57
CA LYS A 123 5.12 -16.90 -1.43
C LYS A 123 4.93 -18.14 -0.58
N LEU A 124 3.89 -18.91 -0.88
CA LEU A 124 3.60 -20.13 -0.15
C LEU A 124 4.38 -21.27 -0.81
N ASP A 133 10.15 -13.45 -7.61
CA ASP A 133 9.01 -13.80 -6.77
C ASP A 133 9.43 -13.98 -5.31
N LYS A 134 8.44 -13.94 -4.42
CA LYS A 134 8.63 -14.10 -2.98
C LYS A 134 7.50 -13.32 -2.34
N PHE A 135 7.33 -12.09 -2.79
CA PHE A 135 6.27 -11.23 -2.29
C PHE A 135 5.38 -10.81 -3.46
N ALA A 136 4.08 -10.87 -3.24
CA ALA A 136 3.13 -10.45 -4.25
C ALA A 136 2.37 -9.36 -3.53
N VAL A 137 2.62 -8.12 -3.93
CA VAL A 137 1.96 -6.98 -3.30
C VAL A 137 0.91 -6.40 -4.23
N LEU A 138 -0.33 -6.35 -3.75
CA LEU A 138 -1.41 -5.77 -4.52
C LEU A 138 -1.55 -4.31 -4.04
N ALA A 139 -1.46 -3.38 -4.97
CA ALA A 139 -1.55 -1.98 -4.63
C ALA A 139 -2.81 -1.37 -5.23
N PHE A 140 -3.55 -0.66 -4.39
CA PHE A 140 -4.77 0.01 -4.81
C PHE A 140 -4.66 1.51 -4.58
N MET A 141 -5.14 2.28 -5.55
CA MET A 141 -5.11 3.72 -5.43
C MET A 141 -6.37 4.12 -4.69
N ILE A 142 -6.25 5.13 -3.82
CA ILE A 142 -7.40 5.61 -3.09
C ILE A 142 -7.60 7.07 -3.48
N GLU A 143 -8.86 7.47 -3.57
CA GLU A 143 -9.22 8.83 -3.97
C GLU A 143 -10.30 9.36 -3.02
N VAL A 144 -10.23 10.65 -2.72
CA VAL A 144 -11.21 11.26 -1.81
C VAL A 144 -12.52 11.55 -2.55
N GLY A 145 -13.60 11.05 -1.97
CA GLY A 145 -14.91 11.24 -2.56
C GLY A 145 -15.90 11.98 -1.67
N ASP A 146 -17.07 12.22 -2.22
CA ASP A 146 -18.11 12.93 -1.51
C ASP A 146 -19.10 11.98 -0.85
N LYS A 147 -18.71 10.72 -0.71
CA LYS A 147 -19.58 9.70 -0.10
C LYS A 147 -18.80 8.79 0.85
N VAL A 148 -19.45 8.33 1.91
CA VAL A 148 -18.80 7.45 2.87
C VAL A 148 -18.62 6.02 2.34
N ASN A 149 -17.51 5.39 2.73
CA ASN A 149 -17.19 4.03 2.32
C ASN A 149 -17.38 3.11 3.53
N LYS A 150 -18.51 2.41 3.57
CA LYS A 150 -18.79 1.51 4.70
C LYS A 150 -17.70 0.47 4.90
N GLY A 151 -17.14 -0.04 3.80
CA GLY A 151 -16.09 -1.04 3.89
C GLY A 151 -14.87 -0.60 4.68
N PHE A 152 -14.52 0.69 4.58
CA PHE A 152 -13.35 1.23 5.29
C PHE A 152 -13.68 1.72 6.71
N GLN A 153 -14.95 1.90 7.01
CA GLN A 153 -15.37 2.39 8.33
C GLN A 153 -14.73 1.65 9.49
N PRO A 154 -14.77 0.30 9.50
CA PRO A 154 -14.18 -0.47 10.59
C PRO A 154 -12.72 -0.08 10.89
N LEU A 155 -11.93 0.14 9.86
CA LEU A 155 -10.53 0.51 10.01
C LEU A 155 -10.35 1.93 10.55
N VAL A 156 -11.21 2.85 10.14
CA VAL A 156 -11.11 4.22 10.60
C VAL A 156 -11.40 4.32 12.10
N GLU A 157 -12.40 3.58 12.56
CA GLU A 157 -12.80 3.61 13.98
C GLU A 157 -11.72 3.15 14.97
N ALA A 158 -10.81 2.29 14.54
CA ALA A 158 -9.75 1.79 15.41
C ALA A 158 -8.51 2.70 15.46
N LEU A 159 -8.51 3.73 14.62
CA LEU A 159 -7.40 4.68 14.55
C LEU A 159 -7.15 5.44 15.86
N PRO A 160 -8.19 6.05 16.45
CA PRO A 160 -7.98 6.79 17.70
C PRO A 160 -7.33 6.01 18.85
N SER A 161 -7.40 4.68 18.80
CA SER A 161 -6.83 3.86 19.88
C SER A 161 -5.38 3.42 19.68
N ILE A 162 -4.81 3.67 18.50
CA ILE A 162 -3.42 3.29 18.22
C ILE A 162 -2.57 4.50 17.87
N SER A 163 -2.87 5.64 18.48
CA SER A 163 -2.14 6.88 18.22
C SER A 163 -0.64 6.74 18.20
N LYS A 164 -0.06 6.45 19.37
CA LYS A 164 1.39 6.33 19.46
C LYS A 164 1.93 5.01 18.97
N PRO A 165 3.14 5.03 18.40
CA PRO A 165 3.83 3.85 17.86
C PRO A 165 3.86 2.65 18.79
N HIS A 166 3.68 1.47 18.20
CA HIS A 166 3.69 0.19 18.91
C HIS A 166 2.43 -0.13 19.72
N SER A 167 1.38 0.67 19.56
CA SER A 167 0.13 0.41 20.26
C SER A 167 -0.60 -0.69 19.52
N THR A 168 -1.11 -1.67 20.26
CA THR A 168 -1.85 -2.79 19.69
C THR A 168 -3.35 -2.49 19.78
N SER A 169 -4.14 -3.15 18.94
CA SER A 169 -5.59 -2.98 18.99
C SER A 169 -6.25 -4.01 18.09
N THR A 170 -7.57 -3.87 17.89
CA THR A 170 -8.33 -4.79 17.06
C THR A 170 -9.45 -4.09 16.30
N VAL A 171 -9.71 -4.57 15.08
CA VAL A 171 -10.75 -4.04 14.20
C VAL A 171 -11.98 -4.96 14.26
N ARG A 172 -13.16 -4.36 14.38
CA ARG A 172 -14.41 -5.11 14.47
C ARG A 172 -14.66 -5.95 13.22
N GLU A 173 -15.57 -6.92 13.36
CA GLU A 173 -15.97 -7.84 12.29
C GLU A 173 -16.00 -7.20 10.92
N SER A 174 -15.05 -7.55 10.08
CA SER A 174 -14.99 -7.01 8.74
C SER A 174 -14.28 -7.98 7.80
N SER A 175 -14.42 -7.78 6.49
CA SER A 175 -13.78 -8.66 5.52
C SER A 175 -13.00 -7.85 4.52
N LEU A 176 -11.88 -8.41 4.06
CA LEU A 176 -11.03 -7.75 3.09
C LEU A 176 -11.80 -7.32 1.85
N GLN A 177 -12.68 -8.21 1.37
CA GLN A 177 -13.48 -7.95 0.17
C GLN A 177 -14.22 -6.62 0.11
N ASP A 178 -14.82 -6.22 1.22
CA ASP A 178 -15.59 -4.97 1.23
C ASP A 178 -14.74 -3.69 1.17
N MET A 179 -13.42 -3.85 1.25
CA MET A 179 -12.52 -2.71 1.21
C MET A 179 -12.03 -2.42 -0.20
N LEU A 180 -12.18 -3.40 -1.09
CA LEU A 180 -11.73 -3.29 -2.49
C LEU A 180 -12.87 -2.86 -3.41
N PRO A 181 -12.54 -2.48 -4.66
CA PRO A 181 -13.62 -2.09 -5.57
C PRO A 181 -14.33 -3.38 -6.03
N PRO A 182 -15.52 -3.25 -6.67
CA PRO A 182 -16.23 -4.46 -7.11
C PRO A 182 -15.36 -5.40 -7.97
N SER A 183 -15.69 -6.68 -7.96
CA SER A 183 -14.96 -7.68 -8.72
C SER A 183 -14.96 -7.36 -10.23
N THR A 184 -15.98 -6.64 -10.69
CA THR A 184 -16.07 -6.29 -12.11
C THR A 184 -15.15 -5.12 -12.45
N LYS A 185 -14.58 -4.50 -11.43
CA LYS A 185 -13.67 -3.37 -11.61
C LYS A 185 -12.22 -3.77 -11.37
N MET A 186 -11.98 -5.08 -11.24
CA MET A 186 -10.64 -5.57 -10.99
C MET A 186 -10.05 -6.32 -12.17
N TYR A 187 -10.52 -5.96 -13.36
CA TYR A 187 -10.04 -6.55 -14.60
C TYR A 187 -8.77 -5.88 -15.07
N THR A 188 -8.69 -4.56 -14.93
CA THR A 188 -7.53 -3.80 -15.39
C THR A 188 -6.50 -3.47 -14.32
N TYR A 189 -5.28 -3.94 -14.53
CA TYR A 189 -4.18 -3.69 -13.60
C TYR A 189 -2.83 -3.71 -14.32
N PHE A 190 -1.75 -3.46 -13.56
CA PHE A 190 -0.41 -3.41 -14.12
C PHE A 190 0.55 -4.32 -13.35
N ARG A 191 1.42 -5.00 -14.07
CA ARG A 191 2.38 -5.90 -13.45
C ARG A 191 3.80 -5.47 -13.76
N TYR A 192 4.71 -5.70 -12.82
CA TYR A 192 6.11 -5.37 -12.99
C TYR A 192 6.93 -5.85 -11.81
N ASN A 193 8.18 -6.21 -12.06
CA ASN A 193 9.06 -6.69 -11.00
C ASN A 193 9.64 -5.49 -10.28
N GLY A 194 9.72 -5.57 -8.95
CA GLY A 194 10.26 -4.47 -8.16
C GLY A 194 10.73 -4.88 -6.77
N SER A 195 10.65 -3.96 -5.83
CA SER A 195 11.09 -4.20 -4.46
C SER A 195 10.20 -3.58 -3.39
N LEU A 196 10.52 -3.86 -2.13
CA LEU A 196 9.81 -3.27 -1.00
C LEU A 196 10.09 -1.77 -1.11
N THR A 197 9.14 -0.93 -0.75
CA THR A 197 9.32 0.50 -0.84
C THR A 197 9.94 1.12 0.43
N THR A 198 10.33 0.26 1.37
CA THR A 198 10.96 0.68 2.62
C THR A 198 12.20 -0.21 2.78
N PRO A 199 13.16 0.19 3.64
CA PRO A 199 14.36 -0.63 3.83
C PRO A 199 14.00 -2.03 4.30
N ASN A 200 14.83 -3.04 3.97
CA ASN A 200 16.04 -2.85 3.18
C ASN A 200 15.86 -2.83 1.67
N CYS A 201 14.62 -2.75 1.20
CA CYS A 201 14.32 -2.71 -0.23
C CYS A 201 14.70 -3.97 -0.97
N ASP A 202 14.27 -5.12 -0.45
CA ASP A 202 14.57 -6.40 -1.08
C ASP A 202 13.84 -6.49 -2.42
N GLU A 203 14.59 -6.66 -3.52
CA GLU A 203 14.00 -6.74 -4.87
C GLU A 203 13.34 -8.10 -5.15
N THR A 204 12.56 -8.58 -4.20
CA THR A 204 11.89 -9.87 -4.33
C THR A 204 10.39 -9.65 -4.30
N VAL A 205 9.92 -8.66 -5.06
CA VAL A 205 8.50 -8.34 -5.10
C VAL A 205 7.90 -8.27 -6.50
N ILE A 206 6.75 -8.91 -6.65
CA ILE A 206 6.00 -8.92 -7.89
C ILE A 206 4.85 -7.94 -7.61
N TRP A 207 4.84 -6.80 -8.30
CA TRP A 207 3.80 -5.79 -8.10
C TRP A 207 2.62 -5.84 -9.05
N THR A 208 1.43 -5.63 -8.48
CA THR A 208 0.19 -5.60 -9.24
C THR A 208 -0.52 -4.33 -8.77
N VAL A 209 -0.58 -3.33 -9.64
CA VAL A 209 -1.21 -2.05 -9.32
C VAL A 209 -2.51 -1.97 -10.12
N TYR A 210 -3.63 -1.79 -9.44
CA TYR A 210 -4.93 -1.72 -10.14
C TYR A 210 -5.29 -0.31 -10.59
N LYS A 211 -5.93 -0.21 -11.76
CA LYS A 211 -6.30 1.08 -12.35
C LYS A 211 -7.43 1.77 -11.59
N GLN A 212 -8.49 1.04 -11.28
CA GLN A 212 -9.64 1.60 -10.57
C GLN A 212 -9.33 1.89 -9.11
N PRO A 213 -9.55 3.13 -8.67
CA PRO A 213 -9.29 3.52 -7.29
C PRO A 213 -10.46 3.23 -6.34
N ILE A 214 -10.17 3.25 -5.05
CA ILE A 214 -11.17 3.02 -4.00
C ILE A 214 -11.49 4.42 -3.49
N LYS A 215 -12.77 4.76 -3.41
CA LYS A 215 -13.16 6.08 -2.91
C LYS A 215 -13.59 6.05 -1.45
N ILE A 216 -13.05 6.98 -0.66
CA ILE A 216 -13.39 7.10 0.75
C ILE A 216 -13.75 8.56 1.00
N HIS A 217 -14.53 8.84 2.04
CA HIS A 217 -14.92 10.22 2.31
C HIS A 217 -13.75 11.06 2.83
N LYS A 218 -13.80 12.36 2.54
CA LYS A 218 -12.79 13.33 3.00
C LYS A 218 -12.55 13.28 4.51
N ASN A 219 -13.58 12.94 5.27
CA ASN A 219 -13.48 12.85 6.73
C ASN A 219 -12.80 11.58 7.17
N GLN A 220 -13.01 10.50 6.41
CA GLN A 220 -12.39 9.21 6.71
C GLN A 220 -10.89 9.35 6.46
N PHE A 221 -10.55 10.05 5.37
CA PHE A 221 -9.17 10.32 4.97
C PHE A 221 -8.40 11.14 6.00
N LEU A 222 -9.02 12.21 6.51
CA LEU A 222 -8.39 13.09 7.49
C LEU A 222 -8.07 12.40 8.83
N GLU A 223 -8.83 11.36 9.17
CA GLU A 223 -8.60 10.62 10.40
C GLU A 223 -7.20 10.03 10.52
N PHE A 224 -6.60 9.65 9.40
CA PHE A 224 -5.27 9.05 9.44
C PHE A 224 -4.20 10.00 9.98
N SER A 225 -4.06 11.17 9.37
CA SER A 225 -3.06 12.15 9.80
C SER A 225 -3.36 12.74 11.18
N LYS A 226 -4.64 12.78 11.54
CA LYS A 226 -5.09 13.34 12.80
C LYS A 226 -4.80 12.49 14.04
N ASN A 227 -5.00 11.18 13.91
CA ASN A 227 -4.79 10.26 15.03
C ASN A 227 -3.45 9.57 15.14
N LEU A 228 -2.82 9.30 13.99
CA LEU A 228 -1.55 8.59 13.95
C LEU A 228 -0.32 9.45 14.15
N TYR A 229 0.64 8.94 14.94
CA TYR A 229 1.88 9.67 15.22
C TYR A 229 3.11 8.80 14.97
N TYR A 230 4.19 9.43 14.53
CA TYR A 230 5.46 8.75 14.27
C TYR A 230 6.23 8.54 15.56
N ASP A 231 6.12 9.50 16.47
CA ASP A 231 6.87 9.47 17.71
C ASP A 231 6.13 9.22 19.02
N GLU A 232 6.90 8.74 19.99
CA GLU A 232 6.44 8.43 21.34
C GLU A 232 5.83 9.65 22.03
N ASP A 233 6.43 10.82 21.83
CA ASP A 233 5.95 12.05 22.45
C ASP A 233 4.80 12.73 21.70
N GLN A 234 4.34 12.11 20.62
CA GLN A 234 3.24 12.62 19.80
C GLN A 234 3.32 14.08 19.39
N LYS A 235 4.47 14.44 18.84
CA LYS A 235 4.76 15.80 18.37
C LYS A 235 4.62 15.89 16.85
N LEU A 236 4.79 14.77 16.17
CA LEU A 236 4.70 14.74 14.71
C LEU A 236 3.65 13.72 14.26
N ASN A 237 2.57 14.21 13.66
CA ASN A 237 1.51 13.34 13.15
C ASN A 237 2.08 12.50 12.03
N MET A 238 1.37 11.46 11.63
CA MET A 238 1.86 10.60 10.58
C MET A 238 1.27 10.93 9.22
N LYS A 239 2.16 11.28 8.30
CA LYS A 239 1.79 11.61 6.94
C LYS A 239 3.08 11.70 6.15
N ASP A 240 2.96 11.69 4.82
CA ASP A 240 4.10 11.76 3.92
C ASP A 240 5.07 10.59 4.14
N ASN A 241 4.49 9.42 4.43
CA ASN A 241 5.26 8.19 4.62
C ASN A 241 5.40 7.54 3.23
N VAL A 242 5.76 8.36 2.26
CA VAL A 242 5.88 7.95 0.88
C VAL A 242 7.31 8.09 0.37
N ARG A 243 7.80 7.07 -0.33
CA ARG A 243 9.13 7.08 -0.93
C ARG A 243 9.00 7.69 -2.33
N PRO A 244 9.98 8.52 -2.75
CA PRO A 244 9.93 9.15 -4.07
C PRO A 244 10.14 8.20 -5.26
N LEU A 245 9.58 8.56 -6.42
CA LEU A 245 9.71 7.77 -7.63
C LEU A 245 11.11 7.23 -7.88
N GLN A 246 11.17 5.95 -8.24
CA GLN A 246 12.43 5.30 -8.55
C GLN A 246 12.53 5.13 -10.06
N PRO A 247 13.76 5.23 -10.62
CA PRO A 247 13.96 5.09 -12.05
C PRO A 247 13.53 3.72 -12.56
N LEU A 248 12.79 3.71 -13.66
CA LEU A 248 12.28 2.47 -14.26
C LEU A 248 13.39 1.48 -14.63
N GLY A 249 14.58 1.99 -14.89
CA GLY A 249 15.68 1.11 -15.27
C GLY A 249 15.35 0.53 -16.64
N LYS A 250 15.56 -0.77 -16.80
CA LYS A 250 15.28 -1.42 -18.07
C LYS A 250 14.04 -2.31 -18.01
N ARG A 251 13.35 -2.28 -16.87
CA ARG A 251 12.15 -3.10 -16.67
C ARG A 251 11.03 -2.79 -17.67
N GLN A 252 10.16 -3.77 -17.87
CA GLN A 252 9.03 -3.63 -18.77
C GLN A 252 7.76 -3.83 -17.94
N VAL A 253 6.81 -2.93 -18.11
CA VAL A 253 5.56 -2.98 -17.37
C VAL A 253 4.42 -3.50 -18.24
N PHE A 254 3.71 -4.49 -17.74
CA PHE A 254 2.62 -5.09 -18.50
C PHE A 254 1.26 -4.68 -17.99
N LYS A 255 0.23 -4.94 -18.80
CA LYS A 255 -1.15 -4.62 -18.45
C LYS A 255 -2.05 -5.77 -18.86
N SER A 256 -3.10 -6.00 -18.09
CA SER A 256 -4.04 -7.08 -18.34
C SER A 256 -5.00 -6.86 -19.52
N HIS A 257 -5.21 -5.60 -19.88
CA HIS A 257 -6.13 -5.31 -20.97
C HIS A 257 -5.50 -4.81 -22.26
N ALA A 258 -6.23 -5.04 -23.35
CA ALA A 258 -5.82 -4.63 -24.68
C ALA A 258 -6.89 -3.72 -25.28
#